data_3OHE
#
_entry.id   3OHE
#
_cell.length_a   36.024
_cell.length_b   80.485
_cell.length_c   99.445
_cell.angle_alpha   90.000
_cell.angle_beta   90.000
_cell.angle_gamma   90.000
#
_symmetry.space_group_name_H-M   'P 21 21 21'
#
loop_
_entity.id
_entity.type
_entity.pdbx_description
1 polymer 'Histidine triad (HIT) protein'
2 non-polymer 'CALCIUM ION'
3 non-polymer GLYCEROL
4 water water
#
_entity_poly.entity_id   1
_entity_poly.type   'polypeptide(L)'
_entity_poly.pdbx_seq_one_letter_code
;G(MSE)FQLHERLAADTHKLGESRLCDVLL(MSE)NDNTWPWVILVPRVSGIREIYELPNEQQQRLLFESSALSEG
(MSE)(MSE)ELFGGDK(MSE)NVAALGN(MSE)VPQLHLHHIVRYQGDPAWPGPVWGKQPPVPYTEEQQASVKAKLQPL
LEQLA
;
_entity_poly.pdbx_strand_id   A,B
#
# COMPACT_ATOMS: atom_id res chain seq x y z
N GLY A 1 15.35 -2.18 19.97
CA GLY A 1 14.97 -3.15 21.01
C GLY A 1 14.72 -4.54 20.48
N PHE A 3 12.54 -7.08 18.92
CA PHE A 3 11.32 -7.23 18.12
C PHE A 3 10.47 -8.38 18.68
N GLN A 4 9.17 -8.15 18.77
CA GLN A 4 8.22 -9.18 19.10
C GLN A 4 7.00 -9.04 18.24
N LEU A 5 6.63 -10.07 17.50
CA LEU A 5 5.47 -10.00 16.61
C LEU A 5 4.22 -9.64 17.43
N HIS A 6 3.43 -8.69 16.96
CA HIS A 6 2.20 -8.27 17.62
C HIS A 6 1.22 -9.42 17.69
N GLU A 7 0.55 -9.58 18.83
CA GLU A 7 -0.37 -10.68 19.06
C GLU A 7 -1.48 -10.76 18.03
N ARG A 8 -1.96 -9.62 17.54
CA ARG A 8 -3.07 -9.66 16.56
C ARG A 8 -2.57 -10.21 15.22
N LEU A 9 -1.37 -9.82 14.84
CA LEU A 9 -0.76 -10.37 13.61
C LEU A 9 -0.54 -11.88 13.76
N ALA A 10 -0.03 -12.32 14.92
CA ALA A 10 0.13 -13.73 15.17
C ALA A 10 -1.19 -14.50 15.09
N ALA A 11 -2.23 -13.94 15.69
CA ALA A 11 -3.55 -14.58 15.72
C ALA A 11 -4.20 -14.71 14.34
N ASP A 12 -3.95 -13.73 13.47
CA ASP A 12 -4.66 -13.59 12.19
C ASP A 12 -3.93 -14.26 11.04
N THR A 13 -2.74 -14.84 11.29
CA THR A 13 -1.87 -15.34 10.22
C THR A 13 -1.27 -16.70 10.55
N HIS A 14 -0.75 -17.32 9.50
CA HIS A 14 0.15 -18.47 9.61
C HIS A 14 1.53 -18.07 9.11
N LYS A 15 2.59 -18.51 9.78
N LYS A 15 2.59 -18.53 9.79
CA LYS A 15 3.94 -18.13 9.38
CA LYS A 15 3.95 -18.25 9.36
C LYS A 15 4.43 -18.96 8.17
C LYS A 15 4.26 -18.99 8.08
N LEU A 16 4.76 -18.27 7.08
CA LEU A 16 5.28 -18.90 5.87
C LEU A 16 6.79 -19.07 5.88
N GLY A 17 7.50 -18.13 6.48
CA GLY A 17 8.96 -18.16 6.46
C GLY A 17 9.52 -16.81 6.87
N GLU A 18 10.79 -16.62 6.54
CA GLU A 18 11.53 -15.42 6.93
C GLU A 18 12.33 -14.92 5.74
N SER A 19 12.19 -13.64 5.45
CA SER A 19 13.13 -12.97 4.55
C SER A 19 14.30 -12.44 5.38
N ARG A 20 15.24 -11.76 4.73
CA ARG A 20 16.37 -11.19 5.44
C ARG A 20 15.88 -10.22 6.52
N LEU A 21 14.90 -9.37 6.18
CA LEU A 21 14.41 -8.36 7.12
C LEU A 21 13.10 -8.71 7.84
N CYS A 22 12.27 -9.56 7.25
CA CYS A 22 10.87 -9.65 7.66
C CYS A 22 10.40 -11.04 8.01
N ASP A 23 9.43 -11.10 8.93
CA ASP A 23 8.59 -12.29 8.99
C ASP A 23 7.60 -12.25 7.84
N VAL A 24 7.41 -13.41 7.21
CA VAL A 24 6.54 -13.54 6.04
C VAL A 24 5.34 -14.35 6.49
N LEU A 25 4.17 -13.71 6.50
CA LEU A 25 2.96 -14.25 7.10
C LEU A 25 1.87 -14.40 6.06
N LEU A 26 1.13 -15.50 6.16
CA LEU A 26 -0.05 -15.72 5.35
C LEU A 26 -1.27 -15.20 6.10
N ASN A 28 -4.79 -15.33 7.27
CA ASN A 28 -5.60 -16.54 7.35
C ASN A 28 -7.04 -16.36 6.84
N ASP A 29 -7.12 -15.90 5.60
CA ASP A 29 -8.35 -15.72 4.85
C ASP A 29 -8.04 -16.23 3.46
N ASN A 30 -8.61 -17.39 3.10
CA ASN A 30 -8.30 -18.03 1.84
C ASN A 30 -9.09 -17.43 0.67
N THR A 31 -9.85 -16.38 0.93
CA THR A 31 -10.65 -15.70 -0.10
C THR A 31 -9.74 -15.04 -1.16
N TRP A 32 -8.56 -14.56 -0.77
CA TRP A 32 -7.57 -13.97 -1.66
C TRP A 32 -6.19 -14.44 -1.24
N PRO A 33 -5.22 -14.58 -2.18
CA PRO A 33 -3.82 -14.81 -1.81
C PRO A 33 -3.28 -13.55 -1.18
N TRP A 34 -2.92 -13.61 0.09
CA TRP A 34 -2.66 -12.41 0.90
C TRP A 34 -1.51 -12.70 1.84
N VAL A 35 -0.37 -12.04 1.58
CA VAL A 35 0.87 -12.24 2.34
C VAL A 35 1.29 -10.90 2.95
N ILE A 36 1.77 -10.97 4.20
N ILE A 36 1.60 -10.89 4.26
CA ILE A 36 2.16 -9.80 4.95
CA ILE A 36 2.15 -9.68 4.89
C ILE A 36 3.64 -9.90 5.24
C ILE A 36 3.60 -9.84 5.30
N LEU A 37 4.37 -8.80 4.98
CA LEU A 37 5.76 -8.67 5.42
C LEU A 37 5.82 -7.83 6.67
N VAL A 38 6.43 -8.35 7.73
CA VAL A 38 6.56 -7.64 9.00
C VAL A 38 8.07 -7.46 9.28
N PRO A 39 8.61 -6.23 9.08
CA PRO A 39 10.02 -6.02 9.36
C PRO A 39 10.31 -6.27 10.85
N ARG A 40 11.36 -7.04 11.11
CA ARG A 40 11.71 -7.43 12.49
C ARG A 40 12.52 -6.32 13.16
N VAL A 41 11.89 -5.18 13.33
CA VAL A 41 12.51 -3.97 13.90
C VAL A 41 11.50 -3.47 14.93
N SER A 42 11.88 -3.33 16.20
CA SER A 42 10.95 -2.92 17.23
C SER A 42 10.48 -1.48 17.06
N GLY A 43 9.26 -1.25 17.48
CA GLY A 43 8.73 0.11 17.67
C GLY A 43 8.46 0.91 16.39
N ILE A 44 8.32 0.26 15.26
CA ILE A 44 8.11 0.98 13.98
C ILE A 44 6.63 0.98 13.62
N ARG A 45 6.05 2.17 13.44
CA ARG A 45 4.65 2.33 13.04
C ARG A 45 4.47 2.55 11.53
N GLU A 46 5.44 3.21 10.91
CA GLU A 46 5.35 3.70 9.55
C GLU A 46 6.60 3.33 8.77
N ILE A 47 6.47 3.17 7.46
CA ILE A 47 7.62 2.88 6.62
C ILE A 47 8.74 3.92 6.79
N TYR A 48 8.34 5.18 6.87
CA TYR A 48 9.31 6.25 6.93
C TYR A 48 10.14 6.26 8.23
N GLU A 49 9.70 5.52 9.25
N GLU A 49 9.69 5.54 9.25
CA GLU A 49 10.43 5.47 10.52
CA GLU A 49 10.44 5.46 10.51
C GLU A 49 11.55 4.46 10.49
C GLU A 49 11.66 4.58 10.38
N LEU A 50 11.62 3.61 9.46
CA LEU A 50 12.76 2.71 9.30
C LEU A 50 13.96 3.54 8.83
N PRO A 51 15.17 3.17 9.29
CA PRO A 51 16.37 3.70 8.67
C PRO A 51 16.34 3.55 7.14
N ASN A 52 16.96 4.47 6.42
CA ASN A 52 16.87 4.49 4.97
C ASN A 52 17.25 3.16 4.36
N GLU A 53 18.33 2.52 4.82
CA GLU A 53 18.73 1.25 4.22
C GLU A 53 17.71 0.14 4.45
N GLN A 54 17.02 0.20 5.59
CA GLN A 54 15.99 -0.78 5.85
C GLN A 54 14.72 -0.50 5.08
N GLN A 55 14.44 0.77 4.81
CA GLN A 55 13.38 1.06 3.85
C GLN A 55 13.68 0.46 2.47
N GLN A 56 14.91 0.62 2.02
N GLN A 56 14.92 0.63 2.03
CA GLN A 56 15.30 0.10 0.72
CA GLN A 56 15.32 0.11 0.74
C GLN A 56 15.30 -1.43 0.69
C GLN A 56 15.27 -1.42 0.70
N ARG A 57 15.65 -2.08 1.77
CA ARG A 57 15.54 -3.53 1.83
C ARG A 57 14.08 -3.98 1.80
N LEU A 58 13.24 -3.30 2.54
CA LEU A 58 11.82 -3.62 2.52
C LEU A 58 11.24 -3.47 1.10
N LEU A 59 11.62 -2.39 0.41
CA LEU A 59 11.20 -2.20 -0.96
C LEU A 59 11.66 -3.34 -1.86
N PHE A 60 12.93 -3.72 -1.75
CA PHE A 60 13.47 -4.84 -2.55
C PHE A 60 12.61 -6.09 -2.31
N GLU A 61 12.37 -6.41 -1.05
CA GLU A 61 11.63 -7.63 -0.70
C GLU A 61 10.19 -7.54 -1.19
N SER A 62 9.54 -6.40 -0.98
CA SER A 62 8.15 -6.21 -1.37
C SER A 62 7.97 -6.31 -2.87
N SER A 63 8.84 -5.64 -3.62
CA SER A 63 8.77 -5.70 -5.09
C SER A 63 9.01 -7.10 -5.59
N ALA A 64 9.95 -7.85 -5.02
CA ALA A 64 10.25 -9.21 -5.45
C ALA A 64 9.07 -10.13 -5.09
N LEU A 65 8.56 -9.99 -3.87
CA LEU A 65 7.38 -10.77 -3.46
C LEU A 65 6.19 -10.51 -4.38
N SER A 66 5.93 -9.24 -4.67
N SER A 66 5.95 -9.24 -4.67
CA SER A 66 4.74 -8.87 -5.48
CA SER A 66 4.79 -8.82 -5.44
C SER A 66 4.84 -9.47 -6.87
C SER A 66 4.82 -9.37 -6.88
N GLU A 67 5.96 -9.25 -7.56
CA GLU A 67 6.10 -9.77 -8.91
C GLU A 67 6.00 -11.29 -8.93
N GLY A 68 6.63 -11.92 -7.96
CA GLY A 68 6.60 -13.38 -7.86
C GLY A 68 5.20 -13.92 -7.56
N GLU A 71 2.90 -13.97 -10.73
CA GLU A 71 3.07 -15.12 -11.63
C GLU A 71 2.58 -16.41 -10.96
N LEU A 72 2.93 -16.61 -9.69
CA LEU A 72 2.64 -17.84 -9.00
C LEU A 72 1.13 -18.09 -8.87
N PHE A 73 0.38 -17.01 -8.69
CA PHE A 73 -1.05 -17.11 -8.49
C PHE A 73 -1.83 -16.62 -9.73
N GLY A 74 -1.14 -16.33 -10.83
CA GLY A 74 -1.78 -15.87 -12.08
C GLY A 74 -2.73 -14.71 -11.88
N GLY A 75 -2.24 -13.70 -11.18
CA GLY A 75 -3.11 -12.59 -10.79
C GLY A 75 -3.38 -11.58 -11.89
N ASP A 76 -4.44 -10.80 -11.69
CA ASP A 76 -4.71 -9.69 -12.58
C ASP A 76 -4.10 -8.36 -12.14
N LYS A 77 -4.01 -8.10 -10.84
CA LYS A 77 -3.53 -6.84 -10.29
C LYS A 77 -3.07 -7.11 -8.86
N ASN A 79 -2.42 -5.52 -5.03
CA ASN A 79 -2.73 -4.44 -4.09
C ASN A 79 -1.71 -4.53 -2.94
N VAL A 80 -0.99 -3.44 -2.70
CA VAL A 80 0.04 -3.36 -1.69
C VAL A 80 -0.29 -2.19 -0.79
N ALA A 81 -0.24 -2.40 0.54
CA ALA A 81 -0.69 -1.36 1.47
C ALA A 81 -0.07 -1.48 2.83
N ALA A 82 0.19 -0.33 3.46
CA ALA A 82 0.58 -0.24 4.87
C ALA A 82 -0.53 0.64 5.49
N LEU A 83 -1.37 0.05 6.34
CA LEU A 83 -2.55 0.69 6.92
C LEU A 83 -2.30 0.80 8.46
N GLY A 84 -2.59 -0.25 9.22
CA GLY A 84 -2.20 -0.27 10.62
C GLY A 84 -3.00 0.61 11.55
N ASN A 85 -4.29 0.84 11.26
CA ASN A 85 -5.06 1.73 12.11
C ASN A 85 -5.27 1.14 13.50
N VAL A 87 -3.39 -1.95 14.54
CA VAL A 87 -2.17 -2.67 14.90
C VAL A 87 -1.01 -1.76 14.60
N PRO A 88 -0.31 -1.30 15.63
CA PRO A 88 0.70 -0.23 15.40
C PRO A 88 2.01 -0.74 14.79
N GLN A 89 2.23 -2.03 14.82
CA GLN A 89 3.43 -2.64 14.28
C GLN A 89 3.38 -2.65 12.76
N LEU A 90 4.32 -1.97 12.14
CA LEU A 90 4.39 -1.86 10.69
C LEU A 90 4.31 -3.25 10.04
N HIS A 91 3.37 -3.38 9.08
CA HIS A 91 3.25 -4.59 8.31
C HIS A 91 2.71 -4.21 6.94
N LEU A 92 3.19 -4.91 5.91
N LEU A 92 3.27 -4.83 5.89
CA LEU A 92 2.92 -4.53 4.54
CA LEU A 92 2.89 -4.54 4.51
C LEU A 92 2.11 -5.64 3.88
C LEU A 92 2.08 -5.67 3.91
N HIS A 93 0.88 -5.32 3.50
CA HIS A 93 -0.05 -6.25 2.82
C HIS A 93 0.27 -6.38 1.36
N HIS A 94 0.23 -7.62 0.85
CA HIS A 94 0.40 -7.94 -0.57
C HIS A 94 -0.74 -8.89 -0.96
N ILE A 95 -1.67 -8.37 -1.74
CA ILE A 95 -2.92 -9.11 -2.04
C ILE A 95 -3.05 -9.27 -3.55
N VAL A 96 -3.12 -10.50 -4.02
CA VAL A 96 -3.39 -10.77 -5.43
C VAL A 96 -4.88 -10.61 -5.71
N ARG A 97 -5.19 -9.80 -6.72
CA ARG A 97 -6.58 -9.57 -7.10
C ARG A 97 -6.88 -10.14 -8.49
N TYR A 98 -8.15 -10.49 -8.68
CA TYR A 98 -8.64 -11.01 -9.93
C TYR A 98 -9.92 -10.26 -10.29
N GLN A 99 -10.15 -10.04 -11.59
N GLN A 99 -10.10 -9.99 -11.59
CA GLN A 99 -11.42 -9.47 -12.02
CA GLN A 99 -11.38 -9.46 -12.09
C GLN A 99 -12.61 -10.34 -11.57
C GLN A 99 -12.52 -10.26 -11.52
N GLY A 100 -12.38 -11.63 -11.33
N GLY A 100 -13.48 -9.59 -10.89
CA GLY A 100 -13.45 -12.51 -10.86
CA GLY A 100 -14.65 -10.28 -10.38
C GLY A 100 -13.59 -12.63 -9.35
C GLY A 100 -14.45 -11.09 -9.10
N ASP A 101 -12.73 -11.96 -8.59
N ASP A 101 -13.29 -10.98 -8.47
CA ASP A 101 -12.77 -12.09 -7.12
CA ASP A 101 -13.08 -11.63 -7.18
C ASP A 101 -13.98 -11.39 -6.47
C ASP A 101 -14.00 -11.01 -6.13
N PRO A 102 -14.33 -11.77 -5.23
N PRO A 102 -14.08 -11.61 -4.93
CA PRO A 102 -15.56 -11.33 -4.59
CA PRO A 102 -14.95 -11.01 -3.92
C PRO A 102 -15.64 -9.84 -4.24
C PRO A 102 -14.48 -9.57 -3.67
N ALA A 103 -14.50 -9.14 -4.28
N ALA A 103 -15.34 -8.61 -3.94
CA ALA A 103 -14.46 -7.75 -3.84
CA ALA A 103 -14.92 -7.22 -3.87
C ALA A 103 -14.31 -6.78 -4.99
C ALA A 103 -14.48 -6.55 -5.19
N TRP A 104 -13.99 -7.31 -6.17
N TRP A 104 -14.00 -7.27 -6.22
CA TRP A 104 -13.54 -6.51 -7.29
CA TRP A 104 -13.48 -6.57 -7.42
C TRP A 104 -14.63 -5.56 -7.72
C TRP A 104 -14.57 -5.66 -7.97
N PRO A 105 -14.24 -4.37 -8.19
CA PRO A 105 -12.94 -3.73 -8.11
C PRO A 105 -12.62 -2.94 -6.82
N GLY A 106 -13.40 -3.08 -5.76
CA GLY A 106 -13.11 -2.44 -4.50
C GLY A 106 -12.02 -3.10 -3.68
N PRO A 107 -11.67 -2.50 -2.53
CA PRO A 107 -10.67 -3.07 -1.65
C PRO A 107 -11.22 -4.29 -0.93
N VAL A 108 -10.32 -5.15 -0.45
CA VAL A 108 -10.73 -6.36 0.22
C VAL A 108 -11.08 -6.16 1.68
N TRP A 109 -10.47 -5.19 2.37
N TRP A 109 -10.42 -5.18 2.31
CA TRP A 109 -10.56 -5.14 3.85
CA TRP A 109 -10.55 -4.96 3.73
C TRP A 109 -11.97 -4.86 4.40
C TRP A 109 -11.99 -4.59 4.06
N GLY A 110 -12.62 -5.83 5.06
N GLY A 110 -12.60 -5.42 4.90
CA GLY A 110 -13.97 -5.68 5.63
CA GLY A 110 -13.96 -5.24 5.40
C GLY A 110 -15.11 -5.97 4.67
C GLY A 110 -15.09 -5.91 4.63
N LYS A 111 -14.81 -6.48 3.47
CA LYS A 111 -15.86 -6.88 2.52
C LYS A 111 -16.76 -8.01 3.06
N GLN A 112 -16.16 -9.04 3.63
N GLN A 112 -16.14 -9.00 3.69
CA GLN A 112 -16.91 -10.19 4.12
CA GLN A 112 -16.76 -10.28 4.04
C GLN A 112 -16.07 -10.95 5.15
C GLN A 112 -16.05 -10.90 5.23
N PRO A 113 -16.70 -11.85 5.93
CA PRO A 113 -15.89 -12.56 6.96
C PRO A 113 -14.72 -13.39 6.36
N PRO A 114 -13.63 -13.56 7.10
CA PRO A 114 -12.53 -14.40 6.59
C PRO A 114 -12.88 -15.87 6.61
N VAL A 115 -12.30 -16.61 5.68
CA VAL A 115 -12.44 -18.05 5.65
C VAL A 115 -11.05 -18.64 5.97
N PRO A 116 -10.90 -19.31 7.12
CA PRO A 116 -9.58 -19.83 7.47
C PRO A 116 -9.11 -20.92 6.51
N TYR A 117 -7.82 -20.99 6.30
CA TYR A 117 -7.22 -22.06 5.54
C TYR A 117 -7.41 -23.38 6.25
N THR A 118 -7.76 -24.40 5.49
CA THR A 118 -7.64 -25.75 6.03
C THR A 118 -6.15 -26.13 6.14
N GLU A 119 -5.88 -27.22 6.85
N GLU A 119 -5.83 -27.20 6.86
CA GLU A 119 -4.52 -27.70 7.02
CA GLU A 119 -4.41 -27.58 7.02
C GLU A 119 -3.85 -27.94 5.67
C GLU A 119 -3.82 -27.95 5.66
N GLU A 120 -4.55 -28.60 4.77
N GLU A 120 -4.59 -28.63 4.83
CA GLU A 120 -3.98 -28.92 3.48
CA GLU A 120 -4.11 -28.96 3.49
C GLU A 120 -3.81 -27.70 2.58
C GLU A 120 -3.80 -27.69 2.67
N GLN A 121 -4.75 -26.75 2.66
CA GLN A 121 -4.59 -25.51 1.90
C GLN A 121 -3.40 -24.70 2.40
N GLN A 122 -3.24 -24.62 3.72
CA GLN A 122 -2.10 -23.92 4.29
C GLN A 122 -0.76 -24.54 3.85
N ALA A 123 -0.66 -25.88 3.90
CA ALA A 123 0.57 -26.54 3.52
C ALA A 123 0.86 -26.37 2.04
N SER A 124 -0.19 -26.40 1.22
N SER A 124 -0.20 -26.38 1.22
CA SER A 124 -0.03 -26.27 -0.22
CA SER A 124 -0.08 -26.23 -0.22
C SER A 124 0.50 -24.88 -0.55
C SER A 124 0.46 -24.86 -0.59
N VAL A 125 -0.07 -23.85 0.07
N VAL A 125 -0.15 -23.80 -0.05
CA VAL A 125 0.37 -22.51 -0.27
CA VAL A 125 0.28 -22.43 -0.36
C VAL A 125 1.75 -22.19 0.32
C VAL A 125 1.71 -22.18 0.11
N LYS A 126 2.05 -22.68 1.51
N LYS A 126 2.01 -22.66 1.31
CA LYS A 126 3.41 -22.56 2.02
CA LYS A 126 3.35 -22.50 1.91
C LYS A 126 4.44 -23.19 1.07
C LYS A 126 4.43 -23.19 1.08
N ALA A 127 4.14 -24.40 0.60
CA ALA A 127 5.06 -25.10 -0.28
C ALA A 127 5.22 -24.33 -1.61
N LYS A 128 4.09 -23.85 -2.15
N LYS A 128 4.12 -23.84 -2.19
CA LYS A 128 4.07 -23.12 -3.42
CA LYS A 128 4.23 -23.15 -3.47
C LYS A 128 4.98 -21.89 -3.36
C LYS A 128 5.06 -21.89 -3.36
N LEU A 129 5.02 -21.26 -2.18
CA LEU A 129 5.78 -20.04 -1.96
C LEU A 129 7.25 -20.20 -1.59
N GLN A 130 7.71 -21.42 -1.31
N GLN A 130 7.69 -21.43 -1.33
CA GLN A 130 9.08 -21.52 -0.81
CA GLN A 130 9.06 -21.60 -0.86
C GLN A 130 10.16 -21.05 -1.80
C GLN A 130 10.14 -21.06 -1.81
N PRO A 131 10.04 -21.35 -3.12
CA PRO A 131 11.08 -20.80 -4.03
C PRO A 131 11.19 -19.26 -3.96
N LEU A 132 10.05 -18.61 -3.94
CA LEU A 132 10.01 -17.15 -3.93
C LEU A 132 10.59 -16.66 -2.60
N LEU A 133 10.18 -17.28 -1.49
N LEU A 133 10.20 -17.30 -1.50
CA LEU A 133 10.70 -16.88 -0.19
CA LEU A 133 10.69 -16.87 -0.21
C LEU A 133 12.22 -17.03 -0.12
C LEU A 133 12.20 -17.06 -0.06
N GLU A 134 12.77 -18.07 -0.73
CA GLU A 134 14.21 -18.24 -0.76
C GLU A 134 14.94 -17.08 -1.48
N GLN A 135 14.28 -16.49 -2.50
N GLN A 135 14.32 -16.45 -2.48
CA GLN A 135 14.79 -15.30 -3.18
CA GLN A 135 14.96 -15.32 -3.13
C GLN A 135 14.98 -14.12 -2.23
C GLN A 135 14.82 -14.01 -2.33
N LEU A 136 14.17 -14.09 -1.16
CA LEU A 136 14.09 -12.94 -0.24
C LEU A 136 15.07 -13.07 0.93
N ALA A 137 15.83 -14.17 0.97
CA ALA A 137 16.74 -14.48 2.10
C ALA A 137 18.02 -13.67 2.06
N GLY B 1 8.00 5.73 -23.40
CA GLY B 1 6.97 6.47 -24.17
C GLY B 1 6.64 7.78 -23.53
N PHE B 3 4.59 9.86 -21.21
CA PHE B 3 3.68 9.80 -20.09
C PHE B 3 2.50 10.72 -20.29
N GLN B 4 1.30 10.22 -20.00
CA GLN B 4 0.09 11.05 -19.97
C GLN B 4 -0.71 10.66 -18.76
N LEU B 5 -0.98 11.64 -17.91
CA LEU B 5 -1.79 11.35 -16.71
C LEU B 5 -3.14 10.77 -17.13
N HIS B 6 -3.52 9.68 -16.49
CA HIS B 6 -4.75 9.00 -16.79
C HIS B 6 -5.94 9.93 -16.54
N GLU B 7 -6.92 9.92 -17.45
CA GLU B 7 -8.05 10.83 -17.36
C GLU B 7 -8.80 10.76 -16.05
N ARG B 8 -8.91 9.56 -15.48
CA ARG B 8 -9.64 9.44 -14.21
C ARG B 8 -8.86 10.10 -13.07
N LEU B 9 -7.56 9.92 -13.06
CA LEU B 9 -6.74 10.60 -12.06
C LEU B 9 -6.83 12.11 -12.26
N ALA B 10 -6.79 12.60 -13.50
CA ALA B 10 -6.89 14.02 -13.73
C ALA B 10 -8.23 14.55 -13.26
N ALA B 11 -9.32 13.84 -13.51
CA ALA B 11 -10.63 14.28 -13.15
C ALA B 11 -10.84 14.31 -11.64
N ASP B 12 -10.22 13.39 -10.93
CA ASP B 12 -10.45 13.17 -9.49
C ASP B 12 -9.55 13.97 -8.58
N THR B 13 -8.63 14.74 -9.16
CA THR B 13 -7.61 15.41 -8.39
C THR B 13 -7.38 16.85 -8.82
N HIS B 14 -6.68 17.60 -7.97
CA HIS B 14 -6.06 18.87 -8.31
C HIS B 14 -4.56 18.68 -8.30
N LYS B 15 -3.86 19.01 -9.38
CA LYS B 15 -2.43 18.89 -9.43
C LYS B 15 -1.78 19.96 -8.59
N LEU B 16 -0.97 19.54 -7.60
CA LEU B 16 -0.25 20.46 -6.74
C LEU B 16 1.03 20.91 -7.39
N GLY B 17 1.65 20.01 -8.14
CA GLY B 17 2.92 20.26 -8.79
C GLY B 17 3.57 18.95 -9.13
N GLU B 18 4.89 18.98 -9.26
CA GLU B 18 5.67 17.79 -9.57
C GLU B 18 6.82 17.66 -8.56
N SER B 19 7.17 16.41 -8.26
CA SER B 19 8.38 16.04 -7.57
C SER B 19 9.43 15.71 -8.63
N ARG B 20 10.57 15.20 -8.22
CA ARG B 20 11.60 14.77 -9.18
C ARG B 20 11.08 13.69 -10.13
N LEU B 21 10.27 12.77 -9.61
CA LEU B 21 9.77 11.64 -10.36
C LEU B 21 8.29 11.74 -10.75
N CYS B 22 7.47 12.47 -9.99
CA CYS B 22 6.03 12.25 -10.03
C CYS B 22 5.21 13.50 -10.23
N ASP B 23 3.99 13.31 -10.70
CA ASP B 23 2.91 14.26 -10.46
C ASP B 23 2.48 14.11 -9.00
N VAL B 24 2.34 15.24 -8.34
CA VAL B 24 1.88 15.30 -6.92
C VAL B 24 0.47 15.84 -6.96
N LEU B 25 -0.51 14.97 -6.67
CA LEU B 25 -1.92 15.27 -6.86
C LEU B 25 -2.65 15.30 -5.52
N LEU B 26 -3.47 16.33 -5.35
CA LEU B 26 -4.41 16.37 -4.22
C LEU B 26 -5.66 15.60 -4.62
N ASN B 28 -9.26 15.03 -4.75
CA ASN B 28 -10.30 16.06 -4.59
C ASN B 28 -11.50 15.57 -3.75
N ASP B 29 -11.15 15.26 -2.49
CA ASP B 29 -12.08 14.83 -1.47
C ASP B 29 -11.56 15.42 -0.17
N ASN B 30 -12.29 16.39 0.37
CA ASN B 30 -11.84 17.08 1.57
C ASN B 30 -12.14 16.33 2.86
N THR B 31 -12.67 15.12 2.73
CA THR B 31 -13.05 14.32 3.87
C THR B 31 -11.85 13.86 4.68
N TRP B 32 -10.75 13.55 3.97
CA TRP B 32 -9.48 13.13 4.56
C TRP B 32 -8.34 13.87 3.80
N PRO B 33 -7.23 14.21 4.48
CA PRO B 33 -6.05 14.77 3.75
C PRO B 33 -5.39 13.65 2.94
N TRP B 34 -5.34 13.80 1.62
CA TRP B 34 -5.08 12.67 0.73
C TRP B 34 -4.33 13.17 -0.48
N VAL B 35 -3.08 12.71 -0.63
CA VAL B 35 -2.23 13.10 -1.75
C VAL B 35 -1.75 11.84 -2.46
N ILE B 36 -1.70 11.91 -3.78
CA ILE B 36 -1.35 10.79 -4.66
C ILE B 36 -0.10 11.14 -5.44
N LEU B 37 0.87 10.24 -5.43
CA LEU B 37 2.09 10.35 -6.25
C LEU B 37 1.93 9.47 -7.50
N VAL B 38 2.06 10.06 -8.67
CA VAL B 38 2.00 9.34 -9.94
C VAL B 38 3.35 9.44 -10.67
N PRO B 39 4.15 8.36 -10.66
CA PRO B 39 5.41 8.42 -11.42
C PRO B 39 5.18 8.77 -12.88
N ARG B 40 5.93 9.74 -13.38
CA ARG B 40 5.77 10.26 -14.73
C ARG B 40 6.56 9.41 -15.76
N VAL B 41 6.14 8.15 -15.83
CA VAL B 41 6.76 7.13 -16.65
C VAL B 41 5.61 6.37 -17.32
N SER B 42 5.59 6.26 -18.65
CA SER B 42 4.49 5.63 -19.35
C SER B 42 4.41 4.13 -19.08
N GLY B 43 3.18 3.62 -19.08
CA GLY B 43 2.95 2.19 -19.13
C GLY B 43 3.27 1.40 -17.89
N ILE B 44 3.30 2.00 -16.70
CA ILE B 44 3.62 1.31 -15.46
C ILE B 44 2.34 0.99 -14.68
N ARG B 45 2.13 -0.29 -14.34
CA ARG B 45 0.98 -0.73 -13.55
C ARG B 45 1.33 -0.95 -12.08
N GLU B 46 2.55 -1.40 -11.78
CA GLU B 46 2.97 -1.86 -10.47
C GLU B 46 4.31 -1.20 -10.13
N ILE B 47 4.56 -1.03 -8.83
CA ILE B 47 5.82 -0.45 -8.39
C ILE B 47 7.02 -1.24 -8.95
N TYR B 48 6.90 -2.57 -8.94
CA TYR B 48 8.02 -3.43 -9.31
C TYR B 48 8.39 -3.35 -10.80
N GLU B 49 7.55 -2.73 -11.61
CA GLU B 49 7.81 -2.52 -13.02
C GLU B 49 8.71 -1.34 -13.31
N LEU B 50 8.88 -0.44 -12.33
CA LEU B 50 9.83 0.65 -12.48
C LEU B 50 11.25 0.09 -12.44
N PRO B 51 12.19 0.74 -13.15
CA PRO B 51 13.58 0.45 -12.89
C PRO B 51 13.96 0.66 -11.40
N ASN B 52 14.91 -0.11 -10.90
N ASN B 52 15.02 -0.02 -10.97
CA ASN B 52 15.19 -0.10 -9.47
CA ASN B 52 15.50 0.11 -9.59
C ASN B 52 15.44 1.28 -8.90
C ASN B 52 15.62 1.54 -9.09
N GLU B 53 16.14 2.11 -9.64
N GLU B 53 16.32 2.37 -9.85
CA GLU B 53 16.46 3.45 -9.17
CA GLU B 53 16.58 3.72 -9.37
C GLU B 53 15.24 4.36 -9.09
C GLU B 53 15.27 4.45 -9.16
N GLN B 54 14.28 4.20 -9.99
CA GLN B 54 13.00 4.89 -9.87
C GLN B 54 12.14 4.32 -8.75
N GLN B 55 12.19 3.00 -8.51
CA GLN B 55 11.51 2.46 -7.32
C GLN B 55 12.08 3.13 -6.06
N GLN B 56 13.40 3.25 -5.99
N GLN B 56 13.40 3.25 -6.00
CA GLN B 56 14.03 3.83 -4.80
CA GLN B 56 14.05 3.84 -4.84
C GLN B 56 13.70 5.32 -4.69
C GLN B 56 13.65 5.31 -4.69
N ARG B 57 13.59 6.03 -5.80
CA ARG B 57 13.21 7.42 -5.74
C ARG B 57 11.74 7.58 -5.30
N LEU B 58 10.85 6.72 -5.81
CA LEU B 58 9.46 6.74 -5.40
C LEU B 58 9.36 6.52 -3.89
N LEU B 59 10.09 5.54 -3.37
CA LEU B 59 10.15 5.28 -1.93
C LEU B 59 10.60 6.51 -1.15
N PHE B 60 11.68 7.15 -1.59
CA PHE B 60 12.14 8.33 -0.92
C PHE B 60 11.06 9.42 -0.87
N GLU B 61 10.44 9.69 -2.01
CA GLU B 61 9.44 10.70 -2.10
C GLU B 61 8.22 10.35 -1.24
N SER B 62 7.79 9.10 -1.30
CA SER B 62 6.66 8.63 -0.48
C SER B 62 6.92 8.80 1.02
N SER B 63 8.10 8.40 1.47
CA SER B 63 8.44 8.52 2.87
C SER B 63 8.59 9.99 3.32
N ALA B 64 9.11 10.85 2.46
CA ALA B 64 9.25 12.26 2.75
C ALA B 64 7.87 12.90 2.84
N LEU B 65 7.03 12.59 1.87
CA LEU B 65 5.67 13.07 1.83
C LEU B 65 4.88 12.62 3.07
N SER B 66 4.95 11.34 3.40
N SER B 66 4.95 11.34 3.37
CA SER B 66 4.20 10.82 4.55
CA SER B 66 4.23 10.77 4.50
C SER B 66 4.60 11.45 5.87
C SER B 66 4.60 11.42 5.84
N GLU B 67 5.90 11.49 6.12
CA GLU B 67 6.37 12.06 7.39
C GLU B 67 5.97 13.54 7.48
N GLY B 68 6.10 14.23 6.36
CA GLY B 68 5.74 15.66 6.30
C GLY B 68 4.27 15.91 6.50
N GLU B 71 3.12 15.61 10.25
CA GLU B 71 3.36 16.76 11.10
C GLU B 71 2.47 17.93 10.64
N LEU B 72 2.33 18.14 9.33
CA LEU B 72 1.56 19.27 8.80
C LEU B 72 0.08 19.20 9.18
N PHE B 73 -0.48 18.00 9.16
CA PHE B 73 -1.88 17.78 9.45
C PHE B 73 -2.10 17.22 10.86
N GLY B 74 -1.04 17.11 11.67
CA GLY B 74 -1.16 16.56 13.03
C GLY B 74 -1.86 15.23 13.09
N GLY B 75 -1.46 14.33 12.22
CA GLY B 75 -2.13 13.05 12.08
C GLY B 75 -1.85 12.04 13.17
N ASP B 76 -2.73 11.05 13.27
CA ASP B 76 -2.51 9.92 14.15
C ASP B 76 -1.82 8.75 13.45
N LYS B 77 -2.12 8.51 12.19
CA LYS B 77 -1.60 7.32 11.48
C LYS B 77 -1.66 7.58 9.98
N ASN B 79 -1.95 6.03 6.07
CA ASN B 79 -2.28 4.87 5.23
C ASN B 79 -1.67 5.12 3.86
N VAL B 80 -0.89 4.15 3.38
CA VAL B 80 -0.16 4.30 2.11
C VAL B 80 -0.53 3.06 1.29
N ALA B 81 -0.87 3.21 0.02
CA ALA B 81 -1.26 2.02 -0.78
C ALA B 81 -1.13 2.27 -2.27
N ALA B 82 -0.83 1.19 -2.99
CA ALA B 82 -0.96 1.13 -4.44
C ALA B 82 -1.98 0.04 -4.72
N LEU B 83 -3.13 0.45 -5.27
CA LEU B 83 -4.28 -0.45 -5.48
C LEU B 83 -4.48 -0.59 -6.99
N GLY B 84 -5.17 0.37 -7.61
CA GLY B 84 -5.24 0.45 -9.07
C GLY B 84 -6.09 -0.59 -9.76
N ASN B 85 -7.15 -1.02 -9.11
CA ASN B 85 -8.01 -2.01 -9.76
C ASN B 85 -8.82 -1.48 -10.92
N VAL B 87 -7.97 1.91 -12.32
CA VAL B 87 -7.08 2.81 -13.05
C VAL B 87 -5.70 2.12 -13.13
N PRO B 88 -5.27 1.72 -14.32
CA PRO B 88 -4.08 0.88 -14.43
C PRO B 88 -2.76 1.64 -14.25
N GLN B 89 -2.77 2.95 -14.34
CA GLN B 89 -1.59 3.78 -14.19
C GLN B 89 -1.18 3.80 -12.72
N LEU B 90 0.04 3.35 -12.44
CA LEU B 90 0.55 3.30 -11.09
C LEU B 90 0.41 4.64 -10.39
N HIS B 91 -0.18 4.60 -9.21
CA HIS B 91 -0.32 5.78 -8.39
C HIS B 91 -0.35 5.36 -6.93
N LEU B 92 0.27 6.15 -6.07
N LEU B 92 0.33 6.11 -6.09
CA LEU B 92 0.50 5.77 -4.69
CA LEU B 92 0.50 5.81 -4.67
C LEU B 92 -0.24 6.73 -3.76
C LEU B 92 -0.31 6.77 -3.82
N HIS B 93 -1.23 6.19 -3.04
CA HIS B 93 -2.08 6.96 -2.12
C HIS B 93 -1.39 7.21 -0.80
N HIS B 94 -1.55 8.42 -0.28
CA HIS B 94 -1.05 8.82 1.06
C HIS B 94 -2.18 9.53 1.78
N ILE B 95 -2.75 8.90 2.80
CA ILE B 95 -3.90 9.44 3.52
C ILE B 95 -3.57 9.59 4.99
N VAL B 96 -3.75 10.79 5.53
CA VAL B 96 -3.65 11.06 6.95
C VAL B 96 -4.95 10.61 7.64
N ARG B 97 -4.81 9.76 8.66
CA ARG B 97 -5.91 9.30 9.47
C ARG B 97 -5.83 9.87 10.87
N TYR B 98 -7.03 10.04 11.44
CA TYR B 98 -7.21 10.39 12.84
C TYR B 98 -8.13 9.37 13.47
N GLN B 99 -7.90 9.08 14.74
CA GLN B 99 -8.85 8.30 15.51
C GLN B 99 -10.20 8.91 15.42
N GLY B 100 -11.19 8.09 15.10
CA GLY B 100 -12.55 8.57 14.96
C GLY B 100 -12.91 9.36 13.71
N ASP B 101 -12.00 9.42 12.71
CA ASP B 101 -12.31 10.10 11.45
C ASP B 101 -13.35 9.30 10.68
N PRO B 102 -13.86 9.83 9.55
CA PRO B 102 -14.89 9.09 8.83
C PRO B 102 -14.36 7.71 8.38
N ALA B 103 -15.20 6.71 8.61
CA ALA B 103 -14.84 5.31 8.30
C ALA B 103 -13.79 4.66 9.24
N TRP B 104 -13.24 5.39 10.21
CA TRP B 104 -12.27 4.80 11.15
C TRP B 104 -12.91 3.57 11.85
N PRO B 105 -12.15 2.46 12.03
CA PRO B 105 -10.73 2.24 11.73
C PRO B 105 -10.50 1.52 10.40
N GLY B 106 -11.52 1.46 9.57
CA GLY B 106 -11.36 0.84 8.26
C GLY B 106 -10.67 1.74 7.24
N PRO B 107 -10.32 1.17 6.09
N PRO B 107 -10.33 1.17 6.08
CA PRO B 107 -9.69 1.97 5.03
CA PRO B 107 -9.71 1.92 5.00
C PRO B 107 -10.71 2.91 4.41
C PRO B 107 -10.72 2.90 4.40
N VAL B 108 -10.24 3.97 3.78
CA VAL B 108 -11.12 4.97 3.22
C VAL B 108 -11.73 4.63 1.87
N TRP B 109 -11.04 3.80 1.07
CA TRP B 109 -11.38 3.66 -0.35
C TRP B 109 -12.77 3.01 -0.47
N GLY B 110 -13.61 3.65 -1.28
CA GLY B 110 -15.01 3.16 -1.51
C GLY B 110 -16.04 3.42 -0.42
N LYS B 111 -15.69 4.13 0.67
N LYS B 111 -15.66 4.06 0.68
CA LYS B 111 -16.56 4.34 1.87
CA LYS B 111 -16.62 4.27 1.75
C LYS B 111 -17.51 5.56 1.85
C LYS B 111 -17.67 5.29 1.31
N GLN B 112 -17.21 6.51 0.99
CA GLN B 112 -18.06 7.70 0.80
C GLN B 112 -17.73 8.29 -0.62
N PRO B 113 -18.72 8.80 -1.37
CA PRO B 113 -18.40 9.62 -2.55
C PRO B 113 -17.57 10.84 -2.11
N PRO B 114 -16.64 11.30 -2.94
CA PRO B 114 -15.78 12.44 -2.56
C PRO B 114 -16.57 13.73 -2.43
N VAL B 115 -16.11 14.59 -1.54
CA VAL B 115 -16.62 15.97 -1.41
C VAL B 115 -15.52 16.89 -1.95
N PRO B 116 -15.75 17.49 -3.13
N PRO B 116 -15.75 17.51 -3.13
CA PRO B 116 -14.76 18.39 -3.72
CA PRO B 116 -14.65 18.29 -3.67
C PRO B 116 -14.37 19.52 -2.78
C PRO B 116 -14.37 19.54 -2.87
N TYR B 117 -13.09 19.91 -2.85
CA TYR B 117 -12.67 21.15 -2.23
C TYR B 117 -13.32 22.35 -2.95
N THR B 118 -13.79 23.32 -2.19
CA THR B 118 -14.23 24.58 -2.80
C THR B 118 -12.97 25.34 -3.26
N GLU B 119 -13.16 26.37 -4.08
N GLU B 119 -13.15 26.43 -4.01
CA GLU B 119 -12.04 27.19 -4.53
CA GLU B 119 -11.98 27.22 -4.40
C GLU B 119 -11.19 27.67 -3.37
C GLU B 119 -11.23 27.78 -3.19
N GLU B 120 -11.85 28.17 -2.33
N GLU B 120 -11.94 28.27 -2.16
CA GLU B 120 -11.14 28.70 -1.17
CA GLU B 120 -11.24 28.74 -1.00
C GLU B 120 -10.47 27.60 -0.33
C GLU B 120 -10.47 27.59 -0.34
N GLN B 121 -11.12 26.45 -0.19
CA GLN B 121 -10.49 25.32 0.49
C GLN B 121 -9.28 24.81 -0.27
N GLN B 122 -9.38 24.80 -1.60
N GLN B 122 -9.36 24.81 -1.60
CA GLN B 122 -8.28 24.42 -2.48
CA GLN B 122 -8.25 24.34 -2.44
C GLN B 122 -7.08 25.30 -2.22
C GLN B 122 -7.06 25.29 -2.28
N ALA B 123 -7.32 26.60 -2.29
CA ALA B 123 -6.25 27.57 -2.11
C ALA B 123 -5.56 27.40 -0.74
N SER B 124 -6.35 27.15 0.29
N SER B 124 -6.36 27.14 0.29
CA SER B 124 -5.82 26.97 1.63
CA SER B 124 -5.83 26.98 1.63
C SER B 124 -4.89 25.76 1.70
C SER B 124 -4.92 25.75 1.77
N VAL B 125 -5.36 24.61 1.24
CA VAL B 125 -4.59 23.38 1.36
C VAL B 125 -3.36 23.43 0.47
N LYS B 126 -3.47 24.06 -0.70
CA LYS B 126 -2.30 24.23 -1.57
C LYS B 126 -1.21 25.03 -0.87
N ALA B 127 -1.57 26.13 -0.24
CA ALA B 127 -0.60 26.94 0.49
C ALA B 127 0.02 26.14 1.62
N LYS B 128 -0.79 25.35 2.31
N LYS B 128 -0.79 25.35 2.35
CA LYS B 128 -0.33 24.54 3.42
CA LYS B 128 -0.28 24.50 3.44
C LYS B 128 0.69 23.49 2.97
C LYS B 128 0.76 23.53 2.93
N LEU B 129 0.50 22.91 1.79
CA LEU B 129 1.36 21.84 1.24
C LEU B 129 2.58 22.31 0.47
N GLN B 130 2.70 23.59 0.17
CA GLN B 130 3.75 24.06 -0.72
C GLN B 130 5.18 23.79 -0.22
N PRO B 131 5.48 24.05 1.07
CA PRO B 131 6.82 23.71 1.54
C PRO B 131 7.17 22.21 1.35
N LEU B 132 6.23 21.36 1.70
CA LEU B 132 6.47 19.93 1.62
C LEU B 132 6.63 19.52 0.14
N LEU B 133 5.82 20.06 -0.76
CA LEU B 133 5.98 19.79 -2.21
C LEU B 133 7.42 20.09 -2.65
N GLU B 134 7.92 21.23 -2.20
CA GLU B 134 9.28 21.63 -2.56
C GLU B 134 10.35 20.66 -2.04
N GLN B 135 10.09 20.00 -0.90
CA GLN B 135 11.05 19.03 -0.38
C GLN B 135 11.15 17.78 -1.26
N LEU B 136 10.21 17.58 -2.19
CA LEU B 136 10.23 16.41 -3.07
C LEU B 136 10.97 16.64 -4.41
N ALA B 137 11.55 17.82 -4.58
CA ALA B 137 12.25 18.14 -5.85
C ALA B 137 13.57 17.38 -5.98
#